data_3L1O
#
_entry.id   3L1O
#
_cell.length_a   41.330
_cell.length_b   75.426
_cell.length_c   72.701
_cell.angle_alpha   90.00
_cell.angle_beta   92.86
_cell.angle_gamma   90.00
#
_symmetry.space_group_name_H-M   'P 1 21 1'
#
loop_
_entity.id
_entity.type
_entity.pdbx_description
1 polymer 'MONOCLONAL ANTIBODY FAB FRAGMENT MN423 H CHAIN'
2 polymer 'MONOCLONAL ANTIBODY FAB FRAGMENT MN423 L CHAIN'
3 non-polymer 'SODIUM ION'
4 non-polymer 'ZINC ION'
5 non-polymer IMIDAZOLE
6 water water
#
loop_
_entity_poly.entity_id
_entity_poly.type
_entity_poly.pdbx_seq_one_letter_code
_entity_poly.pdbx_strand_id
1 'polypeptide(L)'
;EVNLVESGGGLEQSGGSLSLSCAASGFTFTDYYMSWVRQPPGKALEWLALIRNKAKGYTTEYSASVKGRFTISRDNSQSI
LYLQMNALRAEDSAIYYCARDNGAARATFAYWGQGTLVTVSAAKTTPPSVYPLAPGCGDTTGSSVTLGCLVKGYFPESVT
VTWNSGSLSSSVHTFPALLQSGLYTMSSSVTVPSSTWPSQTVTCSVAHPASSTTVDKKLEPSGPIST
;
H
2 'polypeptide(L)'
;DVQITQSPSYLAASPGETITINCRASKSIRKFLAWYREKPGKTNKLLIYSGSTLQSGTPSRFSGSGSGTDFTLTISRLEP
EDFAMYYCQQHNDYPLTFGAGTKLELKRADAAPTVSIFPPSSEQLTSGGASVVCFLNNFYPKDINVKWKIDGSERQNGVL
NSWTDQDSKDSTYSMSSTLTLTKDEYERHNSYTCEATHKTSTSPIVKSFNRNEC
;
L
#
loop_
_chem_comp.id
_chem_comp.type
_chem_comp.name
_chem_comp.formula
IMD non-polymer IMIDAZOLE 'C3 H5 N2 1'
NA non-polymer 'SODIUM ION' 'Na 1'
ZN non-polymer 'ZINC ION' 'Zn 2'
#
# COMPACT_ATOMS: atom_id res chain seq x y z
N GLU A 1 -7.71 -23.50 -11.04
CA GLU A 1 -6.52 -22.85 -11.68
C GLU A 1 -5.31 -22.85 -10.69
N VAL A 2 -4.14 -22.34 -11.12
CA VAL A 2 -2.93 -22.29 -10.23
C VAL A 2 -3.11 -21.28 -9.09
N ASN A 3 -2.72 -21.67 -7.87
CA ASN A 3 -2.90 -20.84 -6.69
C ASN A 3 -1.74 -21.05 -5.75
N LEU A 4 -1.24 -19.96 -5.15
CA LEU A 4 -0.19 -20.04 -4.19
C LEU A 4 -0.68 -19.18 -3.01
N VAL A 5 -0.69 -19.75 -1.81
CA VAL A 5 -1.16 -19.04 -0.66
C VAL A 5 -0.14 -19.05 0.49
N GLU A 6 0.38 -17.89 0.87
CA GLU A 6 1.41 -17.78 1.94
C GLU A 6 0.72 -17.62 3.28
N SER A 7 1.36 -18.04 4.36
CA SER A 7 0.85 -17.98 5.71
C SER A 7 2.08 -18.05 6.68
N GLY A 8 1.88 -17.62 7.91
CA GLY A 8 2.88 -17.77 8.98
C GLY A 8 3.54 -16.48 9.40
N GLY A 9 3.23 -15.46 8.62
CA GLY A 9 3.60 -14.10 8.92
C GLY A 9 3.11 -13.55 10.25
N GLY A 10 3.92 -12.79 10.97
CA GLY A 10 3.38 -12.14 12.15
C GLY A 10 4.47 -11.28 12.75
N LEU A 11 4.26 -10.89 14.00
CA LEU A 11 5.26 -10.07 14.70
C LEU A 11 6.21 -10.89 15.50
N GLU A 12 7.48 -10.54 15.36
CA GLU A 12 8.53 -11.17 16.22
C GLU A 12 9.47 -10.10 16.68
N GLN A 13 10.17 -10.37 17.76
CA GLN A 13 11.32 -9.54 18.15
C GLN A 13 12.63 -9.80 17.39
N SER A 14 13.51 -8.82 17.38
CA SER A 14 14.87 -9.04 16.81
C SER A 14 15.47 -10.28 17.50
N GLY A 15 16.09 -11.15 16.72
CA GLY A 15 16.64 -12.40 17.26
C GLY A 15 15.69 -13.55 17.34
N GLY A 16 14.41 -13.34 17.14
CA GLY A 16 13.50 -14.46 17.08
C GLY A 16 13.49 -15.21 15.73
N SER A 17 12.52 -16.10 15.64
CA SER A 17 12.32 -16.89 14.45
C SER A 17 10.88 -16.96 14.00
N LEU A 18 10.70 -17.31 12.74
CA LEU A 18 9.41 -17.46 12.18
C LEU A 18 9.46 -18.57 11.12
N SER A 19 8.34 -19.25 10.89
CA SER A 19 8.26 -20.20 9.83
C SER A 19 7.14 -19.79 8.91
N LEU A 20 7.50 -19.54 7.66
CA LEU A 20 6.50 -19.32 6.58
C LEU A 20 6.17 -20.56 5.77
N SER A 21 4.93 -20.67 5.29
CA SER A 21 4.63 -21.76 4.37
C SER A 21 3.82 -21.23 3.24
N CYS A 22 3.82 -22.01 2.17
CA CYS A 22 3.22 -21.58 0.92
C CYS A 22 2.52 -22.79 0.37
N ALA A 23 1.18 -22.74 0.37
CA ALA A 23 0.37 -23.87 -0.09
C ALA A 23 0.17 -23.71 -1.60
N ALA A 24 0.68 -24.63 -2.39
CA ALA A 24 0.61 -24.48 -3.83
C ALA A 24 -0.34 -25.43 -4.46
N SER A 25 -1.06 -25.00 -5.50
CA SER A 25 -1.98 -25.92 -6.10
C SER A 25 -2.14 -25.59 -7.56
N GLY A 26 -2.63 -26.57 -8.27
CA GLY A 26 -2.99 -26.40 -9.67
C GLY A 26 -1.87 -26.72 -10.68
N PHE A 27 -0.79 -27.34 -10.21
CA PHE A 27 0.27 -27.86 -11.11
C PHE A 27 0.97 -29.01 -10.48
N THR A 28 1.79 -29.75 -11.25
CA THR A 28 2.60 -30.79 -10.66
C THR A 28 3.74 -30.15 -9.94
N PHE A 29 3.66 -30.15 -8.62
CA PHE A 29 4.53 -29.35 -7.74
C PHE A 29 6.03 -29.62 -7.99
N THR A 30 6.36 -30.89 -8.21
CA THR A 30 7.75 -31.35 -8.22
C THR A 30 8.46 -30.99 -9.52
N ASP A 31 7.68 -30.60 -10.54
CA ASP A 31 8.22 -30.20 -11.83
C ASP A 31 8.79 -28.78 -11.84
N TYR A 32 8.51 -27.96 -10.82
CA TYR A 32 8.83 -26.56 -10.78
C TYR A 32 9.76 -26.10 -9.65
N TYR A 33 10.54 -25.08 -10.02
CA TYR A 33 11.35 -24.27 -9.17
C TYR A 33 10.43 -23.36 -8.39
N MET A 34 10.68 -23.23 -7.12
CA MET A 34 9.83 -22.42 -6.16
C MET A 34 10.76 -21.41 -5.53
N SER A 35 10.29 -20.18 -5.27
CA SER A 35 11.14 -19.16 -4.65
C SER A 35 10.35 -18.37 -3.59
N TRP A 36 11.11 -17.70 -2.73
CA TRP A 36 10.68 -16.62 -1.80
C TRP A 36 11.31 -15.30 -2.24
N VAL A 37 10.46 -14.30 -2.39
CA VAL A 37 10.79 -12.92 -2.78
C VAL A 37 10.08 -12.04 -1.73
N ARG A 38 10.75 -10.99 -1.24
CA ARG A 38 10.09 -10.04 -0.32
C ARG A 38 10.08 -8.62 -0.86
N GLN A 39 9.16 -7.82 -0.36
CA GLN A 39 9.08 -6.38 -0.69
C GLN A 39 9.11 -5.61 0.64
N PRO A 40 10.29 -5.22 1.06
CA PRO A 40 10.29 -4.31 2.22
C PRO A 40 9.51 -2.98 1.85
N PRO A 41 8.98 -2.28 2.89
CA PRO A 41 8.23 -1.01 2.60
C PRO A 41 9.03 0.12 1.85
N GLY A 42 8.48 0.58 0.74
CA GLY A 42 9.13 1.59 -0.08
C GLY A 42 10.32 1.12 -0.97
N LYS A 43 10.62 -0.18 -0.94
CA LYS A 43 11.73 -0.72 -1.69
C LYS A 43 11.33 -1.71 -2.78
N ALA A 44 12.30 -2.00 -3.67
CA ALA A 44 12.27 -2.99 -4.78
C ALA A 44 12.07 -4.32 -4.15
N LEU A 45 11.44 -5.20 -4.91
CA LEU A 45 11.38 -6.61 -4.66
C LEU A 45 12.78 -7.18 -4.59
N GLU A 46 12.97 -8.08 -3.67
CA GLU A 46 14.30 -8.60 -3.29
C GLU A 46 14.16 -10.15 -3.34
N TRP A 47 14.77 -10.80 -4.33
CA TRP A 47 14.73 -12.30 -4.32
C TRP A 47 15.61 -12.88 -3.17
N LEU A 48 15.09 -13.86 -2.43
CA LEU A 48 15.83 -14.43 -1.31
C LEU A 48 16.38 -15.87 -1.41
N ALA A 49 15.58 -16.79 -1.99
CA ALA A 49 15.82 -18.26 -1.91
C ALA A 49 15.06 -18.94 -3.02
N LEU A 50 15.68 -19.95 -3.62
CA LEU A 50 15.14 -20.72 -4.71
C LEU A 50 15.38 -22.14 -4.34
N ILE A 51 14.42 -23.02 -4.62
CA ILE A 51 14.67 -24.44 -4.53
C ILE A 51 14.26 -25.08 -5.87
N ARG A 52 15.16 -25.80 -6.48
CA ARG A 52 14.86 -26.28 -7.83
C ARG A 52 13.94 -27.53 -7.82
N ASN A 53 13.58 -28.02 -9.01
CA ASN A 53 12.70 -29.15 -9.15
C ASN A 53 13.33 -30.58 -8.95
N LYS A 54 12.51 -31.62 -9.04
CA LYS A 54 12.97 -32.98 -8.94
C LYS A 54 14.07 -33.23 -9.96
N ALA A 55 13.86 -32.83 -11.21
CA ALA A 55 14.90 -33.08 -12.19
C ALA A 55 16.29 -32.65 -11.67
N LYS A 56 16.34 -31.44 -11.10
CA LYS A 56 17.56 -30.90 -10.51
C LYS A 56 17.92 -31.38 -9.15
N GLY A 57 17.18 -32.38 -8.64
CA GLY A 57 17.40 -32.84 -7.26
C GLY A 57 17.09 -31.84 -6.14
N TYR A 58 16.24 -30.89 -6.42
CA TYR A 58 15.89 -29.85 -5.41
C TYR A 58 17.00 -29.02 -4.74
N THR A 59 17.99 -28.59 -5.51
CA THR A 59 19.11 -27.83 -4.93
C THR A 59 18.63 -26.44 -4.69
N THR A 60 19.36 -25.68 -3.91
CA THR A 60 18.92 -24.37 -3.50
C THR A 60 20.01 -23.30 -3.82
N GLU A 61 19.50 -22.05 -3.87
CA GLU A 61 20.30 -20.85 -3.94
C GLU A 61 19.73 -19.81 -2.95
N TYR A 62 20.63 -19.05 -2.32
CA TYR A 62 20.24 -17.99 -1.39
C TYR A 62 20.83 -16.61 -1.70
N SER A 63 20.09 -15.53 -1.38
CA SER A 63 20.66 -14.20 -1.37
C SER A 63 21.62 -14.03 -0.21
N ALA A 64 22.68 -13.25 -0.41
CA ALA A 64 23.71 -13.06 0.62
C ALA A 64 23.08 -12.47 1.87
N SER A 65 22.00 -11.71 1.68
CA SER A 65 21.32 -11.12 2.83
C SER A 65 20.63 -12.07 3.82
N VAL A 66 20.37 -13.33 3.46
CA VAL A 66 19.66 -14.35 4.31
C VAL A 66 20.38 -15.63 4.44
N LYS A 67 21.46 -15.75 3.70
CA LYS A 67 22.31 -16.91 3.77
C LYS A 67 22.68 -17.21 5.21
N GLY A 68 22.57 -18.51 5.56
CA GLY A 68 22.82 -19.03 6.89
C GLY A 68 21.69 -18.77 7.91
N ARG A 69 20.79 -17.83 7.66
CA ARG A 69 19.75 -17.60 8.64
C ARG A 69 18.44 -18.22 8.16
N PHE A 70 18.18 -18.13 6.87
CA PHE A 70 16.90 -18.54 6.30
C PHE A 70 17.13 -19.82 5.50
N THR A 71 16.19 -20.77 5.54
CA THR A 71 16.37 -22.04 4.85
C THR A 71 15.07 -22.31 4.10
N ILE A 72 15.15 -22.57 2.82
CA ILE A 72 14.01 -22.85 1.94
C ILE A 72 13.97 -24.38 1.89
N SER A 73 12.76 -24.96 1.98
CA SER A 73 12.54 -26.35 1.83
C SER A 73 11.15 -26.62 1.20
N ARG A 74 10.89 -27.88 0.81
CA ARG A 74 9.70 -28.32 0.07
C ARG A 74 9.17 -29.54 0.77
N ASP A 75 7.85 -29.62 0.96
CA ASP A 75 7.19 -30.93 1.15
C ASP A 75 6.48 -31.36 -0.13
N ASN A 76 7.11 -32.23 -0.89
CA ASN A 76 6.68 -32.58 -2.17
C ASN A 76 5.37 -33.36 -2.28
N SER A 77 5.11 -34.19 -1.26
CA SER A 77 3.85 -34.94 -1.26
C SER A 77 2.66 -34.02 -1.02
N GLN A 78 2.88 -33.00 -0.18
CA GLN A 78 1.79 -32.06 0.19
C GLN A 78 1.78 -30.78 -0.62
N SER A 79 2.79 -30.54 -1.41
CA SER A 79 2.85 -29.36 -2.24
C SER A 79 2.91 -28.15 -1.36
N ILE A 80 3.76 -28.21 -0.33
CA ILE A 80 3.99 -27.04 0.46
C ILE A 80 5.44 -26.56 0.34
N LEU A 81 5.60 -25.22 0.23
CA LEU A 81 6.90 -24.59 0.25
C LEU A 81 7.10 -23.91 1.60
N TYR A 82 8.28 -24.09 2.24
CA TYR A 82 8.65 -23.43 3.49
C TYR A 82 9.83 -22.48 3.43
N LEU A 83 9.79 -21.47 4.31
CA LEU A 83 10.92 -20.57 4.61
C LEU A 83 11.05 -20.55 6.11
N GLN A 84 12.09 -21.18 6.62
CA GLN A 84 12.44 -21.10 8.01
C GLN A 84 13.33 -19.87 8.26
N MET A 85 12.90 -18.96 9.15
CA MET A 85 13.63 -17.73 9.29
C MET A 85 14.14 -17.65 10.71
N ASN A 86 15.44 -17.74 10.88
CA ASN A 86 16.09 -17.66 12.17
C ASN A 86 16.81 -16.30 12.25
N ALA A 87 17.26 -15.87 13.44
CA ALA A 87 18.07 -14.66 13.72
C ALA A 87 17.47 -13.43 12.97
N LEU A 88 16.18 -13.22 13.16
CA LEU A 88 15.46 -12.14 12.53
C LEU A 88 15.99 -10.80 12.93
N ARG A 89 15.98 -9.87 11.98
CA ARG A 89 16.47 -8.49 12.09
CA ARG A 89 16.41 -8.52 12.22
C ARG A 89 15.30 -7.57 11.75
N ALA A 90 15.33 -6.36 12.28
CA ALA A 90 14.28 -5.42 11.96
C ALA A 90 14.17 -5.10 10.43
N GLU A 91 15.30 -5.01 9.76
CA GLU A 91 15.39 -4.94 8.29
C GLU A 91 14.82 -6.08 7.54
N ASP A 92 14.51 -7.18 8.23
CA ASP A 92 13.81 -8.29 7.56
C ASP A 92 12.30 -8.07 7.35
N SER A 93 11.76 -7.05 7.99
CA SER A 93 10.34 -6.71 7.98
C SER A 93 9.97 -6.43 6.52
N ALA A 94 8.96 -7.16 6.05
CA ALA A 94 8.51 -6.98 4.68
C ALA A 94 7.30 -7.85 4.40
N ILE A 95 6.63 -7.68 3.23
CA ILE A 95 5.71 -8.68 2.69
C ILE A 95 6.52 -9.75 1.93
N TYR A 96 6.32 -11.02 2.28
CA TYR A 96 7.01 -12.16 1.72
C TYR A 96 6.02 -12.87 0.79
N TYR A 97 6.48 -13.16 -0.43
CA TYR A 97 5.75 -13.84 -1.45
C TYR A 97 6.47 -15.12 -1.80
N CYS A 98 5.68 -16.14 -2.12
CA CYS A 98 6.21 -17.33 -2.76
CA CYS A 98 6.09 -17.35 -2.72
C CYS A 98 5.84 -17.27 -4.24
N ALA A 99 6.71 -17.87 -5.06
CA ALA A 99 6.51 -17.81 -6.50
C ALA A 99 6.94 -19.10 -7.18
N ARG A 100 6.36 -19.36 -8.37
CA ARG A 100 6.74 -20.51 -9.16
C ARG A 100 7.26 -20.02 -10.54
N ASP A 101 8.20 -20.75 -11.15
CA ASP A 101 8.69 -20.36 -12.45
C ASP A 101 7.69 -20.60 -13.60
N ASN A 102 8.00 -20.07 -14.77
CA ASN A 102 7.06 -20.13 -15.86
C ASN A 102 7.31 -21.40 -16.74
N GLY A 103 8.29 -22.23 -16.40
CA GLY A 103 8.60 -23.45 -17.21
C GLY A 103 9.63 -23.22 -18.36
N ALA A 104 9.35 -22.29 -19.27
CA ALA A 104 10.37 -21.93 -20.25
C ALA A 104 11.65 -21.36 -19.55
N ALA A 105 11.48 -20.38 -18.69
CA ALA A 105 12.65 -19.71 -18.21
C ALA A 105 12.60 -19.82 -16.73
N ARG A 106 13.54 -20.61 -16.20
CA ARG A 106 13.43 -21.09 -14.82
C ARG A 106 13.64 -20.06 -13.71
N ALA A 107 14.24 -18.91 -14.08
CA ALA A 107 14.53 -17.83 -13.07
C ALA A 107 13.50 -16.67 -13.24
N THR A 108 12.35 -16.95 -13.90
CA THR A 108 11.22 -16.02 -13.85
C THR A 108 10.07 -16.56 -12.97
N PHE A 109 9.12 -15.65 -12.68
CA PHE A 109 8.10 -15.90 -11.71
C PHE A 109 6.74 -15.72 -12.37
N ALA A 110 6.23 -16.79 -12.90
CA ALA A 110 4.88 -16.78 -13.58
C ALA A 110 3.69 -16.67 -12.58
N TYR A 111 3.86 -17.16 -11.36
CA TYR A 111 2.79 -17.15 -10.36
C TYR A 111 3.38 -16.72 -9.11
N TRP A 112 2.63 -15.93 -8.37
CA TRP A 112 2.95 -15.41 -7.07
C TRP A 112 1.72 -15.58 -6.17
N GLY A 113 1.97 -15.66 -4.89
CA GLY A 113 0.92 -15.37 -3.93
C GLY A 113 0.69 -13.88 -3.73
N GLN A 114 -0.28 -13.58 -2.89
CA GLN A 114 -0.60 -12.29 -2.40
C GLN A 114 0.33 -11.80 -1.28
N GLY A 115 1.04 -12.71 -0.63
CA GLY A 115 2.00 -12.37 0.38
C GLY A 115 1.48 -12.47 1.82
N THR A 116 2.47 -12.55 2.70
CA THR A 116 2.24 -12.60 4.10
C THR A 116 3.20 -11.57 4.76
N LEU A 117 2.70 -10.83 5.76
CA LEU A 117 3.45 -9.73 6.35
C LEU A 117 4.28 -10.17 7.57
N VAL A 118 5.54 -9.77 7.58
CA VAL A 118 6.44 -10.14 8.65
C VAL A 118 6.89 -8.85 9.28
N THR A 119 6.68 -8.72 10.57
CA THR A 119 7.15 -7.57 11.35
C THR A 119 8.19 -8.01 12.34
N VAL A 120 9.36 -7.39 12.33
CA VAL A 120 10.36 -7.59 13.38
C VAL A 120 10.60 -6.26 14.09
N SER A 121 10.20 -6.18 15.34
CA SER A 121 10.18 -4.93 16.03
C SER A 121 10.20 -5.18 17.50
N ALA A 122 10.64 -4.20 18.25
CA ALA A 122 10.52 -4.25 19.72
C ALA A 122 9.18 -3.71 20.24
N ALA A 123 8.36 -3.06 19.41
CA ALA A 123 7.03 -2.61 19.82
C ALA A 123 6.12 -3.80 20.12
N LYS A 124 5.26 -3.59 21.11
CA LYS A 124 4.31 -4.54 21.55
C LYS A 124 2.95 -4.39 20.89
N THR A 125 2.33 -5.55 20.67
CA THR A 125 0.92 -5.62 20.17
C THR A 125 0.03 -4.72 21.01
N THR A 126 -0.58 -3.73 20.36
CA THR A 126 -1.37 -2.71 21.01
C THR A 126 -2.69 -2.43 20.24
N PRO A 127 -3.82 -2.37 20.93
CA PRO A 127 -5.03 -2.08 20.13
C PRO A 127 -5.21 -0.61 19.85
N PRO A 128 -6.02 -0.29 18.82
CA PRO A 128 -6.23 1.11 18.43
C PRO A 128 -7.23 1.90 19.34
N SER A 129 -6.98 3.19 19.52
CA SER A 129 -8.01 4.11 19.94
C SER A 129 -8.76 4.50 18.67
N VAL A 130 -10.07 4.60 18.76
CA VAL A 130 -10.89 4.86 17.59
C VAL A 130 -11.64 6.17 17.86
N TYR A 131 -11.46 7.16 17.01
CA TYR A 131 -12.08 8.46 17.31
C TYR A 131 -12.95 8.79 16.19
N PRO A 132 -14.11 9.37 16.50
CA PRO A 132 -15.01 9.76 15.42
C PRO A 132 -14.68 11.10 14.75
N LEU A 133 -14.93 11.20 13.47
CA LEU A 133 -14.74 12.45 12.78
C LEU A 133 -16.06 12.85 12.26
N ALA A 134 -16.71 13.77 12.99
CA ALA A 134 -17.91 14.41 12.56
C ALA A 134 -17.76 15.95 12.45
N PRO A 135 -18.60 16.54 11.62
CA PRO A 135 -18.55 17.99 11.47
C PRO A 135 -18.94 18.66 12.77
N GLY A 136 -18.34 19.84 13.03
CA GLY A 136 -18.65 20.64 14.21
C GLY A 136 -19.62 21.75 13.81
N CYS A 137 -19.78 22.74 14.68
CA CYS A 137 -20.81 23.83 14.47
C CYS A 137 -21.15 24.25 13.04
N THR A 141 -23.66 23.09 6.60
CA THR A 141 -23.59 21.87 5.76
C THR A 141 -24.33 22.02 4.39
N GLY A 142 -24.36 20.95 3.57
CA GLY A 142 -24.99 20.95 2.18
C GLY A 142 -25.64 19.60 1.78
N SER A 143 -25.60 19.17 0.52
CA SER A 143 -26.25 17.89 0.11
C SER A 143 -25.54 16.55 0.46
N SER A 144 -24.24 16.63 0.62
CA SER A 144 -23.44 15.50 0.85
C SER A 144 -22.67 15.77 2.13
N VAL A 145 -22.43 14.74 2.92
CA VAL A 145 -21.66 14.89 4.14
C VAL A 145 -20.54 13.86 4.18
N THR A 146 -19.34 14.31 4.52
CA THR A 146 -18.18 13.44 4.78
C THR A 146 -17.94 13.24 6.28
N LEU A 147 -17.80 11.97 6.65
CA LEU A 147 -17.52 11.50 8.04
C LEU A 147 -16.34 10.60 8.06
N GLY A 148 -15.73 10.40 9.23
CA GLY A 148 -14.62 9.48 9.30
C GLY A 148 -14.33 8.83 10.66
N CYS A 149 -13.28 8.03 10.68
CA CYS A 149 -12.79 7.45 11.90
C CYS A 149 -11.29 7.52 11.84
N LEU A 150 -10.70 8.02 12.91
CA LEU A 150 -9.29 8.12 13.12
C LEU A 150 -8.95 6.95 14.01
N VAL A 151 -8.05 6.09 13.52
CA VAL A 151 -7.63 4.89 14.25
C VAL A 151 -6.20 5.02 14.60
N LYS A 152 -5.90 5.15 15.88
CA LYS A 152 -4.55 5.63 16.25
C LYS A 152 -4.01 4.84 17.40
N GLY A 153 -2.69 4.70 17.43
CA GLY A 153 -1.98 3.96 18.47
C GLY A 153 -2.02 2.45 18.46
N TYR A 154 -2.04 1.83 17.30
CA TYR A 154 -2.05 0.35 17.20
C TYR A 154 -0.75 -0.25 16.69
N PHE A 155 -0.55 -1.53 16.99
CA PHE A 155 0.63 -2.27 16.56
C PHE A 155 0.33 -3.77 16.72
N PRO A 156 0.78 -4.58 15.78
CA PRO A 156 1.33 -4.25 14.47
C PRO A 156 0.20 -3.97 13.46
N GLU A 157 0.53 -3.75 12.19
CA GLU A 157 -0.58 -3.71 11.20
C GLU A 157 -1.19 -5.11 11.15
N SER A 158 -2.39 -5.29 10.64
CA SER A 158 -3.24 -4.29 9.95
C SER A 158 -4.53 -4.09 10.69
N VAL A 159 -5.30 -3.15 10.23
CA VAL A 159 -6.64 -2.92 10.80
C VAL A 159 -7.55 -2.90 9.60
N THR A 160 -8.81 -3.24 9.80
CA THR A 160 -9.83 -3.11 8.76
C THR A 160 -10.94 -2.22 9.33
N VAL A 161 -11.44 -1.25 8.53
CA VAL A 161 -12.52 -0.38 9.03
C VAL A 161 -13.69 -0.68 8.14
N THR A 162 -14.83 -1.11 8.69
CA THR A 162 -16.06 -1.43 7.92
C THR A 162 -17.13 -0.36 8.29
N TRP A 163 -17.86 0.14 7.29
CA TRP A 163 -18.86 1.21 7.46
C TRP A 163 -20.15 0.53 7.25
N ASN A 164 -21.08 0.69 8.20
CA ASN A 164 -22.47 0.07 8.08
C ASN A 164 -22.57 -1.40 7.45
N SER A 165 -21.83 -2.36 8.01
CA SER A 165 -21.68 -3.71 7.43
C SER A 165 -21.46 -3.77 5.90
N GLY A 166 -20.59 -2.88 5.37
CA GLY A 166 -20.20 -2.88 3.95
C GLY A 166 -21.09 -2.15 2.93
N SER A 167 -22.16 -1.51 3.38
CA SER A 167 -23.15 -0.86 2.48
C SER A 167 -22.73 0.48 1.76
N LEU A 168 -21.98 1.40 2.39
CA LEU A 168 -21.45 2.55 1.57
C LEU A 168 -19.91 2.54 1.44
N SER A 169 -19.43 1.33 1.15
CA SER A 169 -18.06 1.06 0.71
C SER A 169 -17.76 1.49 -0.74
N SER A 170 -18.75 1.94 -1.52
CA SER A 170 -18.46 2.61 -2.80
C SER A 170 -17.78 3.99 -2.61
N SER A 171 -18.15 4.73 -1.57
CA SER A 171 -17.58 6.05 -1.31
C SER A 171 -16.66 6.10 -0.10
N VAL A 172 -15.96 5.03 0.23
CA VAL A 172 -15.07 5.10 1.35
C VAL A 172 -13.66 5.27 0.84
N HIS A 173 -12.85 5.95 1.65
CA HIS A 173 -11.44 6.14 1.35
C HIS A 173 -10.69 5.64 2.52
N THR A 174 -9.72 4.75 2.26
CA THR A 174 -8.88 4.15 3.31
C THR A 174 -7.53 4.76 3.14
N PHE A 175 -7.06 5.44 4.15
CA PHE A 175 -5.76 6.10 4.09
C PHE A 175 -4.72 5.17 4.70
N PRO A 176 -3.64 4.91 3.97
CA PRO A 176 -2.61 4.06 4.54
C PRO A 176 -2.04 4.51 5.92
N ALA A 177 -1.69 3.52 6.73
CA ALA A 177 -1.08 3.74 8.08
C ALA A 177 0.35 4.30 7.97
N LEU A 178 0.71 5.12 8.93
CA LEU A 178 2.03 5.68 9.10
C LEU A 178 2.38 5.46 10.54
N LEU A 179 3.68 5.25 10.81
CA LEU A 179 4.20 5.01 12.18
C LEU A 179 4.41 6.35 12.88
N GLN A 180 3.87 6.53 14.08
CA GLN A 180 4.02 7.78 14.86
C GLN A 180 4.34 7.40 16.29
N SER A 181 5.37 7.96 16.87
CA SER A 181 5.64 7.58 18.28
C SER A 181 5.77 6.06 18.52
N GLY A 182 6.15 5.29 17.50
CA GLY A 182 6.34 3.84 17.64
C GLY A 182 5.06 3.10 17.32
N LEU A 183 4.00 3.80 16.89
CA LEU A 183 2.74 3.15 16.77
C LEU A 183 2.11 3.55 15.46
N TYR A 184 1.16 2.74 14.98
CA TYR A 184 0.44 3.08 13.72
C TYR A 184 -0.80 3.97 13.93
N THR A 185 -1.08 4.80 12.91
CA THR A 185 -2.27 5.57 12.75
C THR A 185 -2.78 5.57 11.34
N MET A 186 -4.09 5.41 11.20
CA MET A 186 -4.73 5.51 9.92
C MET A 186 -6.10 6.18 10.10
N SER A 187 -6.73 6.51 8.99
CA SER A 187 -8.08 6.96 9.06
C SER A 187 -8.83 6.52 7.79
N SER A 188 -10.15 6.56 7.89
CA SER A 188 -11.07 6.14 6.86
C SER A 188 -12.17 7.18 6.83
N SER A 189 -12.60 7.48 5.62
CA SER A 189 -13.73 8.36 5.43
C SER A 189 -14.79 7.74 4.53
N VAL A 190 -16.01 8.23 4.73
CA VAL A 190 -17.16 7.86 3.96
C VAL A 190 -17.96 9.15 3.70
N THR A 191 -18.58 9.18 2.54
CA THR A 191 -19.36 10.31 2.04
C THR A 191 -20.72 9.74 1.71
N VAL A 192 -21.74 10.32 2.34
CA VAL A 192 -23.10 9.95 2.16
C VAL A 192 -23.99 11.19 1.99
N PRO A 193 -25.19 11.00 1.39
CA PRO A 193 -26.12 12.13 1.30
C PRO A 193 -26.58 12.64 2.68
N SER A 194 -26.78 13.95 2.79
CA SER A 194 -27.33 14.57 3.99
C SER A 194 -28.72 14.04 4.32
N SER A 195 -29.43 13.59 3.30
CA SER A 195 -30.76 13.03 3.51
C SER A 195 -30.68 11.86 4.50
N THR A 196 -29.55 11.14 4.52
CA THR A 196 -29.41 9.86 5.27
C THR A 196 -28.65 9.89 6.61
N TRP A 197 -27.80 10.89 6.83
CA TRP A 197 -27.18 11.08 8.12
C TRP A 197 -27.38 12.52 8.48
N PRO A 198 -27.64 12.83 9.76
CA PRO A 198 -27.76 12.02 10.98
C PRO A 198 -29.11 11.33 11.12
N SER A 199 -29.93 11.46 10.08
CA SER A 199 -31.28 10.88 10.10
C SER A 199 -31.20 9.40 10.46
N GLN A 200 -30.36 8.67 9.72
CA GLN A 200 -30.11 7.26 9.94
CA GLN A 200 -30.14 7.26 10.01
C GLN A 200 -28.68 7.03 10.45
N THR A 201 -28.46 5.91 11.12
CA THR A 201 -27.22 5.63 11.82
C THR A 201 -26.01 5.38 10.87
N VAL A 202 -24.82 5.78 11.30
CA VAL A 202 -23.60 5.52 10.54
C VAL A 202 -22.59 5.09 11.58
N THR A 203 -22.00 3.90 11.39
CA THR A 203 -21.03 3.35 12.32
C THR A 203 -19.79 2.86 11.58
N CYS A 204 -18.60 3.11 12.17
CA CYS A 204 -17.41 2.53 11.67
C CYS A 204 -17.03 1.37 12.63
N SER A 205 -16.75 0.17 12.09
CA SER A 205 -16.29 -0.96 12.89
C SER A 205 -14.88 -1.29 12.58
N VAL A 206 -14.06 -1.27 13.62
CA VAL A 206 -12.65 -1.33 13.43
C VAL A 206 -12.13 -2.64 13.97
N ALA A 207 -11.66 -3.55 13.12
CA ALA A 207 -11.08 -4.84 13.51
C ALA A 207 -9.54 -4.72 13.46
N HIS A 208 -8.91 -5.20 14.52
CA HIS A 208 -7.49 -5.36 14.69
C HIS A 208 -7.16 -6.76 15.23
N PRO A 209 -7.07 -7.70 14.32
CA PRO A 209 -6.94 -9.16 14.65
C PRO A 209 -5.79 -9.49 15.61
N ALA A 210 -4.68 -8.77 15.46
CA ALA A 210 -3.48 -8.92 16.31
C ALA A 210 -3.82 -8.82 17.80
N SER A 211 -4.74 -7.94 18.15
CA SER A 211 -5.12 -7.75 19.58
C SER A 211 -6.49 -8.34 19.91
N SER A 212 -7.09 -8.99 18.94
CA SER A 212 -8.41 -9.58 19.01
C SER A 212 -9.48 -8.58 19.36
N THR A 213 -9.37 -7.36 18.79
CA THR A 213 -10.24 -6.24 19.15
C THR A 213 -11.07 -5.81 17.97
N THR A 214 -12.33 -5.54 18.26
CA THR A 214 -13.21 -4.89 17.34
C THR A 214 -13.89 -3.75 18.11
N VAL A 215 -13.75 -2.52 17.60
CA VAL A 215 -14.45 -1.35 18.18
C VAL A 215 -15.50 -0.90 17.20
N ASP A 216 -16.71 -0.65 17.69
CA ASP A 216 -17.80 -0.11 16.85
C ASP A 216 -18.03 1.31 17.39
N LYS A 217 -18.06 2.29 16.51
CA LYS A 217 -18.16 3.70 16.90
C LYS A 217 -19.28 4.31 16.02
N LYS A 218 -20.37 4.71 16.68
CA LYS A 218 -21.43 5.42 16.00
C LYS A 218 -21.00 6.90 15.84
N LEU A 219 -21.16 7.44 14.64
CA LEU A 219 -20.92 8.86 14.37
C LEU A 219 -22.17 9.65 14.80
N GLU A 220 -21.96 10.59 15.71
CA GLU A 220 -23.01 11.47 16.14
C GLU A 220 -22.86 12.88 15.53
N PRO A 221 -24.00 13.51 15.28
CA PRO A 221 -23.97 14.93 14.98
C PRO A 221 -23.50 15.76 16.16
N SER A 222 -23.01 16.93 15.80
CA SER A 222 -22.85 18.05 16.66
C SER A 222 -24.11 18.22 17.53
N GLY A 223 -23.91 18.02 18.84
CA GLY A 223 -25.01 18.12 19.80
C GLY A 223 -24.49 18.92 20.98
N PRO A 224 -25.21 18.93 22.11
CA PRO A 224 -24.68 19.57 23.31
C PRO A 224 -23.37 18.98 23.89
N ILE A 225 -22.70 19.78 24.73
CA ILE A 225 -21.58 19.32 25.58
C ILE A 225 -22.13 18.35 26.66
N SER A 226 -23.30 18.70 27.15
CA SER A 226 -24.10 17.87 28.01
C SER A 226 -24.60 16.60 27.33
N THR A 227 -25.34 15.85 28.13
CA THR A 227 -26.62 15.21 27.74
C THR A 227 -27.04 14.21 28.84
N ASP B 1 23.75 -7.00 -6.73
CA ASP B 1 24.91 -7.57 -7.55
C ASP B 1 24.99 -7.15 -9.08
N VAL B 2 24.02 -7.51 -9.91
CA VAL B 2 23.80 -6.78 -11.11
C VAL B 2 22.76 -5.81 -10.53
N GLN B 3 22.99 -4.49 -10.54
CA GLN B 3 21.97 -3.50 -10.23
C GLN B 3 21.12 -3.04 -11.44
N ILE B 4 19.82 -2.87 -11.25
CA ILE B 4 18.88 -2.60 -12.29
C ILE B 4 18.25 -1.27 -11.98
N THR B 5 18.34 -0.37 -12.97
CA THR B 5 17.73 0.99 -12.93
C THR B 5 16.61 1.07 -13.90
N GLN B 6 15.42 1.28 -13.30
CA GLN B 6 14.24 1.52 -14.06
C GLN B 6 13.89 3.01 -14.20
N SER B 7 13.40 3.37 -15.36
CA SER B 7 13.01 4.73 -15.55
C SER B 7 11.93 4.81 -16.67
N PRO B 8 11.05 5.81 -16.60
CA PRO B 8 10.85 6.82 -15.55
C PRO B 8 10.22 6.11 -14.34
N SER B 9 10.26 6.72 -13.19
CA SER B 9 9.64 6.15 -12.00
C SER B 9 8.17 6.36 -12.05
N TYR B 10 7.76 7.43 -12.72
CA TYR B 10 6.38 7.75 -12.85
C TYR B 10 6.08 8.24 -14.29
N LEU B 11 4.99 7.75 -14.86
CA LEU B 11 4.51 8.22 -16.15
C LEU B 11 2.98 8.30 -16.17
N ALA B 12 2.43 9.45 -16.47
CA ALA B 12 1.00 9.51 -16.69
C ALA B 12 0.70 9.36 -18.19
N ALA B 13 -0.35 8.65 -18.56
CA ALA B 13 -0.70 8.50 -19.95
C ALA B 13 -2.19 8.31 -20.12
N SER B 14 -2.59 8.43 -21.36
CA SER B 14 -4.03 8.32 -21.72
C SER B 14 -4.29 6.98 -22.29
N PRO B 15 -5.49 6.47 -22.00
CA PRO B 15 -6.08 5.41 -22.79
C PRO B 15 -5.87 5.67 -24.27
N GLY B 16 -5.41 4.63 -24.99
CA GLY B 16 -5.09 4.77 -26.41
C GLY B 16 -3.69 5.27 -26.77
N GLU B 17 -2.82 5.60 -25.78
CA GLU B 17 -1.53 6.12 -26.02
C GLU B 17 -0.49 5.01 -26.14
N THR B 18 0.63 5.28 -26.80
CA THR B 18 1.73 4.34 -26.76
C THR B 18 2.83 4.89 -25.88
N ILE B 19 3.40 4.06 -25.03
CA ILE B 19 4.44 4.50 -24.19
C ILE B 19 5.58 3.54 -24.19
N THR B 20 6.73 3.98 -23.69
CA THR B 20 7.93 3.13 -23.57
C THR B 20 8.45 3.28 -22.16
N ILE B 21 8.90 2.17 -21.56
CA ILE B 21 9.55 2.13 -20.26
C ILE B 21 10.93 1.53 -20.44
N ASN B 22 11.88 2.04 -19.67
CA ASN B 22 13.29 1.69 -19.75
C ASN B 22 13.83 0.96 -18.53
N CYS B 23 14.77 0.04 -18.78
CA CYS B 23 15.52 -0.70 -17.78
C CYS B 23 16.99 -0.86 -18.21
N ARG B 24 17.87 -0.62 -17.29
CA ARG B 24 19.31 -0.50 -17.56
C ARG B 24 19.99 -1.26 -16.43
N ALA B 25 20.82 -2.22 -16.82
CA ALA B 25 21.61 -3.09 -15.91
C ALA B 25 23.02 -2.55 -15.82
N SER B 26 23.62 -2.70 -14.66
CA SER B 26 24.99 -2.19 -14.42
C SER B 26 26.08 -2.96 -15.18
N LYS B 27 25.79 -4.22 -15.50
CA LYS B 27 26.63 -4.99 -16.42
C LYS B 27 25.75 -5.87 -17.28
N SER B 28 26.32 -6.48 -18.34
CA SER B 28 25.49 -7.24 -19.32
C SER B 28 24.69 -8.34 -18.63
N ILE B 29 23.44 -8.49 -19.09
CA ILE B 29 22.59 -9.54 -18.64
C ILE B 29 22.19 -10.44 -19.81
N ARG B 30 22.97 -10.30 -20.87
CA ARG B 30 22.76 -10.97 -22.11
C ARG B 30 21.35 -10.53 -22.55
N LYS B 31 20.43 -11.46 -22.81
CA LYS B 31 19.10 -11.05 -23.21
C LYS B 31 18.04 -11.24 -22.09
N PHE B 32 18.50 -11.62 -20.89
CA PHE B 32 17.59 -12.17 -19.93
C PHE B 32 16.99 -11.16 -18.99
N LEU B 33 16.04 -10.41 -19.58
CA LEU B 33 15.23 -9.45 -18.84
C LEU B 33 13.75 -9.80 -18.87
N ALA B 34 13.16 -9.87 -17.66
CA ALA B 34 11.75 -10.12 -17.50
C ALA B 34 11.01 -8.86 -17.08
N TRP B 35 9.76 -8.73 -17.49
CA TRP B 35 8.87 -7.63 -17.07
C TRP B 35 7.63 -8.14 -16.41
N TYR B 36 7.21 -7.44 -15.35
CA TYR B 36 6.05 -7.81 -14.53
C TYR B 36 5.14 -6.63 -14.39
N ARG B 37 3.86 -6.89 -14.13
CA ARG B 37 3.01 -5.85 -13.57
C ARG B 37 2.42 -6.20 -12.21
N GLU B 38 2.21 -5.14 -11.42
CA GLU B 38 1.68 -5.24 -10.07
C GLU B 38 0.46 -4.36 -9.96
N LYS B 39 -0.61 -4.87 -9.37
CA LYS B 39 -1.83 -4.05 -9.10
C LYS B 39 -2.36 -4.38 -7.71
N PRO B 40 -2.93 -3.42 -7.00
CA PRO B 40 -3.41 -3.75 -5.61
C PRO B 40 -4.54 -4.78 -5.62
N GLY B 41 -4.51 -5.71 -4.64
CA GLY B 41 -5.46 -6.82 -4.54
C GLY B 41 -5.32 -7.94 -5.60
N LYS B 42 -4.28 -7.86 -6.45
CA LYS B 42 -3.99 -8.89 -7.46
C LYS B 42 -2.58 -9.43 -7.21
N THR B 43 -2.35 -10.70 -7.56
CA THR B 43 -0.99 -11.27 -7.53
C THR B 43 -0.23 -10.77 -8.82
N ASN B 44 1.09 -10.63 -8.68
CA ASN B 44 1.95 -10.17 -9.78
C ASN B 44 1.85 -11.10 -10.96
N LYS B 45 1.96 -10.51 -12.15
CA LYS B 45 1.85 -11.22 -13.37
C LYS B 45 3.06 -10.93 -14.27
N LEU B 46 3.61 -11.97 -14.87
CA LEU B 46 4.70 -11.90 -15.79
C LEU B 46 4.21 -11.60 -17.15
N LEU B 47 4.87 -10.63 -17.80
CA LEU B 47 4.40 -10.15 -19.12
C LEU B 47 5.36 -10.63 -20.21
N ILE B 48 6.66 -10.43 -19.95
CA ILE B 48 7.69 -10.69 -20.93
C ILE B 48 8.86 -11.27 -20.27
N TYR B 49 9.50 -12.22 -20.94
CA TYR B 49 10.79 -12.85 -20.42
C TYR B 49 11.86 -12.98 -21.58
N SER B 50 13.14 -13.13 -21.20
CA SER B 50 14.24 -13.18 -22.17
C SER B 50 14.19 -12.01 -23.14
N GLY B 51 13.79 -10.87 -22.61
CA GLY B 51 13.95 -9.63 -23.30
C GLY B 51 12.77 -9.28 -24.14
N SER B 52 12.28 -10.25 -24.91
CA SER B 52 11.28 -9.95 -25.88
C SER B 52 10.23 -11.03 -26.12
N THR B 53 10.25 -12.14 -25.33
CA THR B 53 9.32 -13.24 -25.51
C THR B 53 8.07 -12.95 -24.68
N LEU B 54 6.91 -12.89 -25.31
CA LEU B 54 5.65 -12.68 -24.51
C LEU B 54 5.23 -13.94 -23.71
N GLN B 55 4.96 -13.72 -22.44
CA GLN B 55 4.30 -14.72 -21.66
C GLN B 55 2.95 -15.05 -22.28
N SER B 56 2.72 -16.35 -22.43
CA SER B 56 1.39 -16.88 -22.76
C SER B 56 0.24 -16.10 -22.09
N GLY B 57 -0.63 -15.54 -22.95
CA GLY B 57 -1.73 -14.66 -22.49
C GLY B 57 -1.51 -13.17 -22.51
N THR B 58 -0.27 -12.69 -22.58
CA THR B 58 -0.01 -11.27 -22.63
C THR B 58 -0.59 -10.75 -23.93
N PRO B 59 -1.26 -9.63 -23.84
CA PRO B 59 -1.73 -9.01 -25.12
C PRO B 59 -0.62 -8.57 -26.04
N SER B 60 -0.85 -8.62 -27.35
CA SER B 60 0.24 -8.34 -28.34
C SER B 60 0.68 -6.87 -28.42
N ARG B 61 -0.05 -5.98 -27.77
CA ARG B 61 0.27 -4.57 -27.66
C ARG B 61 1.47 -4.36 -26.74
N PHE B 62 1.89 -5.42 -26.01
CA PHE B 62 3.15 -5.40 -25.27
C PHE B 62 4.29 -5.92 -26.12
N SER B 63 5.43 -5.22 -26.10
CA SER B 63 6.64 -5.76 -26.77
C SER B 63 7.89 -5.36 -26.00
N GLY B 64 8.92 -6.16 -26.08
CA GLY B 64 10.13 -5.88 -25.33
C GLY B 64 11.31 -5.92 -26.28
N SER B 65 12.32 -5.11 -25.98
CA SER B 65 13.56 -5.12 -26.79
C SER B 65 14.72 -4.88 -25.93
N GLY B 66 15.86 -5.26 -26.48
CA GLY B 66 17.10 -4.94 -25.85
C GLY B 66 17.98 -6.15 -25.69
N SER B 67 19.23 -5.80 -25.41
CA SER B 67 20.25 -6.75 -25.05
C SER B 67 21.36 -6.08 -24.23
N GLY B 68 22.17 -6.88 -23.56
CA GLY B 68 23.33 -6.30 -22.88
C GLY B 68 22.92 -5.57 -21.59
N THR B 69 23.00 -4.24 -21.61
CA THR B 69 22.64 -3.39 -20.49
C THR B 69 21.38 -2.51 -20.66
N ASP B 70 20.74 -2.45 -21.85
CA ASP B 70 19.64 -1.48 -22.07
C ASP B 70 18.44 -2.13 -22.69
N PHE B 71 17.33 -2.08 -22.01
CA PHE B 71 16.11 -2.72 -22.54
C PHE B 71 14.95 -1.76 -22.48
N THR B 72 13.89 -2.09 -23.22
CA THR B 72 12.71 -1.26 -23.10
C THR B 72 11.46 -2.13 -23.25
N LEU B 73 10.41 -1.70 -22.62
CA LEU B 73 9.08 -2.24 -22.72
C LEU B 73 8.27 -1.20 -23.44
N THR B 74 7.57 -1.59 -24.49
CA THR B 74 6.65 -0.69 -25.17
C THR B 74 5.28 -1.21 -25.03
N ILE B 75 4.33 -0.37 -24.65
CA ILE B 75 2.89 -0.72 -24.75
C ILE B 75 2.18 0.17 -25.73
N SER B 76 1.66 -0.43 -26.82
CA SER B 76 0.84 0.31 -27.75
C SER B 76 -0.67 0.37 -27.33
N ARG B 77 -1.30 1.43 -27.77
CA ARG B 77 -2.65 1.76 -27.49
C ARG B 77 -3.17 1.22 -26.16
N LEU B 78 -2.71 1.84 -25.06
CA LEU B 78 -3.12 1.51 -23.67
C LEU B 78 -4.59 1.26 -23.48
N GLU B 79 -4.89 0.16 -22.80
CA GLU B 79 -6.21 -0.18 -22.31
C GLU B 79 -6.27 0.21 -20.85
N PRO B 80 -7.46 0.57 -20.36
CA PRO B 80 -7.62 0.86 -18.88
C PRO B 80 -6.93 -0.07 -17.89
N GLU B 81 -7.00 -1.37 -18.15
CA GLU B 81 -6.41 -2.38 -17.27
C GLU B 81 -4.88 -2.32 -17.27
N ASP B 82 -4.29 -1.64 -18.26
CA ASP B 82 -2.82 -1.57 -18.36
C ASP B 82 -2.18 -0.60 -17.38
N PHE B 83 -2.98 0.25 -16.73
CA PHE B 83 -2.45 1.15 -15.80
C PHE B 83 -2.12 0.37 -14.53
N ALA B 84 -0.82 0.38 -14.16
CA ALA B 84 -0.30 -0.49 -13.14
C ALA B 84 1.12 -0.10 -12.85
N MET B 85 1.71 -0.83 -11.92
CA MET B 85 3.10 -0.69 -11.58
C MET B 85 3.81 -1.77 -12.35
N TYR B 86 4.86 -1.40 -13.09
CA TYR B 86 5.65 -2.36 -13.91
C TYR B 86 7.01 -2.53 -13.33
N TYR B 87 7.47 -3.74 -13.15
CA TYR B 87 8.84 -4.00 -12.71
C TYR B 87 9.68 -4.75 -13.76
N CYS B 88 10.95 -4.46 -13.86
CA CYS B 88 11.85 -5.37 -14.57
C CYS B 88 12.74 -6.21 -13.62
N GLN B 89 13.25 -7.34 -14.12
CA GLN B 89 14.03 -8.27 -13.39
C GLN B 89 15.02 -9.00 -14.35
N GLN B 90 16.29 -9.01 -13.97
CA GLN B 90 17.22 -9.79 -14.71
C GLN B 90 17.17 -11.21 -14.21
N HIS B 91 17.27 -12.13 -15.17
CA HIS B 91 17.29 -13.56 -14.85
C HIS B 91 18.46 -14.24 -15.57
N ASN B 92 19.54 -13.48 -15.72
CA ASN B 92 20.78 -14.05 -16.22
C ASN B 92 21.54 -14.79 -15.16
N ASP B 93 21.45 -14.39 -13.90
CA ASP B 93 22.42 -14.81 -12.91
C ASP B 93 21.98 -14.50 -11.51
N TYR B 94 22.42 -15.34 -10.59
CA TYR B 94 22.10 -15.14 -9.15
C TYR B 94 23.04 -14.16 -8.58
N PRO B 95 22.55 -13.35 -7.65
CA PRO B 95 21.16 -13.20 -7.07
C PRO B 95 20.29 -12.54 -8.06
N LEU B 96 19.05 -13.01 -8.20
CA LEU B 96 18.11 -12.38 -9.15
C LEU B 96 17.83 -10.96 -8.56
N THR B 97 17.71 -9.96 -9.44
CA THR B 97 17.57 -8.56 -8.99
C THR B 97 16.53 -7.84 -9.83
N PHE B 98 15.81 -6.89 -9.22
CA PHE B 98 14.63 -6.21 -9.80
C PHE B 98 14.88 -4.75 -9.88
N GLY B 99 14.28 -4.10 -10.86
CA GLY B 99 14.13 -2.68 -10.76
C GLY B 99 13.12 -2.24 -9.74
N ALA B 100 13.21 -0.95 -9.39
CA ALA B 100 12.34 -0.34 -8.41
C ALA B 100 10.94 0.08 -8.93
N GLY B 101 10.73 -0.04 -10.23
CA GLY B 101 9.40 0.11 -10.74
C GLY B 101 9.09 1.41 -11.47
N THR B 102 8.09 1.34 -12.35
CA THR B 102 7.58 2.53 -13.06
C THR B 102 6.12 2.53 -12.84
N LYS B 103 5.62 3.58 -12.18
CA LYS B 103 4.19 3.74 -11.92
C LYS B 103 3.50 4.34 -13.15
N LEU B 104 2.69 3.53 -13.84
CA LEU B 104 1.98 3.95 -15.04
C LEU B 104 0.56 4.37 -14.68
N GLU B 105 0.37 5.68 -14.58
CA GLU B 105 -0.85 6.30 -14.05
C GLU B 105 -1.78 6.77 -15.19
N LEU B 106 -3.07 6.63 -14.93
CA LEU B 106 -4.13 6.93 -15.91
C LEU B 106 -4.45 8.43 -15.79
N LYS B 107 -4.22 9.09 -16.91
CA LYS B 107 -4.44 10.53 -17.06
C LYS B 107 -5.94 10.81 -17.35
N ARG B 108 -6.53 11.63 -16.49
CA ARG B 108 -7.93 11.94 -16.50
C ARG B 108 -7.94 13.47 -16.42
N ALA B 109 -9.12 14.05 -16.56
CA ALA B 109 -9.34 15.47 -16.46
C ALA B 109 -8.89 15.96 -15.06
N ASP B 110 -8.30 17.12 -15.02
CA ASP B 110 -8.01 17.79 -13.73
C ASP B 110 -9.29 17.97 -12.81
N ALA B 111 -9.13 17.69 -11.52
CA ALA B 111 -10.25 17.89 -10.57
C ALA B 111 -9.75 18.44 -9.21
N ALA B 112 -10.51 19.38 -8.67
CA ALA B 112 -10.21 19.96 -7.39
C ALA B 112 -10.69 19.03 -6.33
N PRO B 113 -10.03 19.05 -5.15
CA PRO B 113 -10.43 18.24 -4.04
C PRO B 113 -11.68 18.79 -3.39
N THR B 114 -12.43 17.89 -2.74
CA THR B 114 -13.44 18.29 -1.77
C THR B 114 -12.75 18.23 -0.47
N VAL B 115 -12.80 19.34 0.28
CA VAL B 115 -12.08 19.45 1.51
C VAL B 115 -12.97 19.52 2.71
N SER B 116 -12.63 18.73 3.72
CA SER B 116 -13.37 18.69 4.94
C SER B 116 -12.48 18.79 6.10
N ILE B 117 -12.90 19.60 7.08
CA ILE B 117 -12.14 19.74 8.33
C ILE B 117 -12.92 19.13 9.56
N PHE B 118 -12.16 18.55 10.49
CA PHE B 118 -12.69 17.93 11.70
C PHE B 118 -11.87 18.39 12.91
N PRO B 119 -12.57 18.91 13.93
CA PRO B 119 -11.86 19.20 15.18
C PRO B 119 -11.52 17.96 15.92
N PRO B 120 -10.69 18.03 16.97
CA PRO B 120 -10.62 16.83 17.78
C PRO B 120 -11.95 16.43 18.50
N SER B 121 -12.16 15.12 18.60
CA SER B 121 -13.33 14.57 19.32
C SER B 121 -13.11 14.75 20.81
N SER B 122 -14.24 14.78 21.54
CA SER B 122 -14.25 14.73 23.00
C SER B 122 -13.46 13.59 23.56
N GLU B 123 -13.64 12.47 22.89
CA GLU B 123 -13.05 11.23 23.27
C GLU B 123 -11.55 11.45 23.27
N GLN B 124 -11.00 11.99 22.18
CA GLN B 124 -9.55 12.22 22.13
C GLN B 124 -9.07 13.27 23.14
N LEU B 125 -9.86 14.34 23.35
CA LEU B 125 -9.49 15.38 24.28
C LEU B 125 -9.42 14.77 25.71
N THR B 126 -10.42 13.97 26.05
CA THR B 126 -10.36 13.22 27.34
C THR B 126 -9.04 12.44 27.60
N SER B 127 -8.50 11.84 26.56
CA SER B 127 -7.20 11.14 26.61
C SER B 127 -5.92 12.06 26.66
N GLY B 128 -6.06 13.39 26.47
CA GLY B 128 -4.89 14.34 26.50
C GLY B 128 -4.32 14.78 25.17
N GLY B 129 -4.97 14.36 24.09
CA GLY B 129 -4.48 14.67 22.79
C GLY B 129 -5.45 15.47 21.94
N ALA B 130 -4.94 16.08 20.89
CA ALA B 130 -5.76 16.85 20.01
C ALA B 130 -5.28 16.64 18.56
N SER B 131 -6.03 15.87 17.73
CA SER B 131 -5.75 15.76 16.31
C SER B 131 -6.80 16.53 15.50
N VAL B 132 -6.35 17.44 14.66
CA VAL B 132 -7.23 18.16 13.78
C VAL B 132 -7.00 17.43 12.41
N VAL B 133 -8.06 17.12 11.70
CA VAL B 133 -8.03 16.30 10.49
C VAL B 133 -8.70 17.04 9.34
N CYS B 134 -8.01 17.03 8.20
CA CYS B 134 -8.51 17.54 6.99
CA CYS B 134 -8.63 17.48 6.95
C CYS B 134 -8.54 16.39 5.94
N PHE B 135 -9.69 16.15 5.32
CA PHE B 135 -9.73 15.21 4.18
C PHE B 135 -9.80 15.99 2.90
N LEU B 136 -9.01 15.58 1.91
CA LEU B 136 -9.07 16.23 0.60
C LEU B 136 -9.34 15.14 -0.40
N ASN B 137 -10.54 15.08 -0.89
CA ASN B 137 -11.01 13.86 -1.58
C ASN B 137 -11.27 14.07 -3.07
N ASN B 138 -10.87 13.13 -3.88
CA ASN B 138 -11.28 13.07 -5.29
C ASN B 138 -10.70 14.15 -6.14
N PHE B 139 -9.38 14.28 -6.10
CA PHE B 139 -8.67 15.23 -6.95
C PHE B 139 -7.68 14.59 -7.90
N TYR B 140 -7.25 15.39 -8.87
CA TYR B 140 -6.35 14.96 -9.89
C TYR B 140 -5.73 16.21 -10.52
N PRO B 141 -4.42 16.16 -10.73
CA PRO B 141 -3.44 15.13 -10.39
C PRO B 141 -3.15 15.02 -8.90
N LYS B 142 -2.22 14.15 -8.50
CA LYS B 142 -1.90 13.87 -7.08
C LYS B 142 -1.12 15.06 -6.38
N ASP B 143 -0.37 15.86 -7.15
CA ASP B 143 0.32 16.98 -6.55
C ASP B 143 -0.65 17.99 -5.87
N ILE B 144 -0.33 18.35 -4.63
CA ILE B 144 -1.22 19.22 -3.90
C ILE B 144 -0.36 19.77 -2.78
N ASN B 145 -0.65 20.98 -2.34
CA ASN B 145 -0.03 21.49 -1.12
C ASN B 145 -1.14 21.76 -0.07
N VAL B 146 -0.97 21.25 1.16
CA VAL B 146 -1.83 21.61 2.29
C VAL B 146 -1.04 22.41 3.35
N LYS B 147 -1.55 23.57 3.73
CA LYS B 147 -1.01 24.25 4.87
C LYS B 147 -1.96 24.46 5.99
N TRP B 148 -1.40 24.37 7.19
CA TRP B 148 -2.15 24.45 8.38
C TRP B 148 -1.78 25.76 8.97
N LYS B 149 -2.81 26.48 9.35
CA LYS B 149 -2.71 27.76 10.06
C LYS B 149 -3.49 27.69 11.48
N ILE B 150 -2.82 28.12 12.51
CA ILE B 150 -3.37 28.28 13.83
C ILE B 150 -3.40 29.80 14.13
N ASP B 151 -4.56 30.43 14.28
CA ASP B 151 -4.60 31.90 14.56
C ASP B 151 -3.80 32.68 13.49
N GLY B 152 -3.92 32.22 12.24
CA GLY B 152 -3.33 32.83 11.05
C GLY B 152 -1.88 32.49 10.80
N SER B 153 -1.26 31.80 11.74
CA SER B 153 0.13 31.57 11.69
C SER B 153 0.43 30.13 11.24
N GLU B 154 1.25 30.06 10.18
CA GLU B 154 1.55 28.80 9.50
C GLU B 154 2.17 27.84 10.50
N ARG B 155 1.66 26.63 10.52
CA ARG B 155 2.12 25.56 11.37
C ARG B 155 2.83 24.45 10.59
N GLN B 156 4.13 24.32 10.85
CA GLN B 156 5.02 23.34 10.11
C GLN B 156 5.72 22.23 10.95
N ASN B 157 5.01 21.66 11.89
CA ASN B 157 5.51 20.65 12.80
C ASN B 157 4.27 19.84 13.23
N GLY B 158 4.36 18.52 13.13
CA GLY B 158 3.29 17.66 13.58
C GLY B 158 2.24 17.43 12.54
N VAL B 159 2.48 17.85 11.31
CA VAL B 159 1.54 17.49 10.25
C VAL B 159 1.96 16.13 9.64
N LEU B 160 1.01 15.19 9.48
CA LEU B 160 1.23 13.95 8.73
C LEU B 160 0.21 13.77 7.63
N ASN B 161 0.69 13.46 6.42
CA ASN B 161 -0.16 13.35 5.23
C ASN B 161 -0.18 11.95 4.68
N SER B 162 -1.29 11.50 4.11
CA SER B 162 -1.33 10.14 3.60
C SER B 162 -2.22 10.14 2.38
N TRP B 163 -1.81 9.48 1.31
CA TRP B 163 -2.60 9.50 0.12
C TRP B 163 -3.06 8.11 -0.18
N THR B 164 -4.24 7.99 -0.81
CA THR B 164 -4.64 6.74 -1.35
C THR B 164 -3.92 6.47 -2.69
N ASP B 165 -3.96 5.21 -3.17
CA ASP B 165 -3.59 4.91 -4.55
C ASP B 165 -4.69 5.46 -5.48
N GLN B 166 -4.34 5.64 -6.72
CA GLN B 166 -5.29 6.09 -7.71
C GLN B 166 -6.55 5.21 -7.74
N ASP B 167 -7.74 5.81 -7.80
CA ASP B 167 -8.98 5.05 -7.77
C ASP B 167 -9.27 4.37 -9.08
N SER B 168 -9.51 3.03 -8.98
CA SER B 168 -9.90 2.08 -10.03
C SER B 168 -11.03 2.58 -10.96
N LYS B 169 -11.99 3.26 -10.32
CA LYS B 169 -13.19 3.73 -10.94
C LYS B 169 -13.13 5.13 -11.51
N ASP B 170 -12.77 6.15 -10.73
CA ASP B 170 -12.82 7.55 -11.22
C ASP B 170 -11.47 8.20 -11.50
N SER B 171 -10.41 7.45 -11.26
CA SER B 171 -9.04 7.86 -11.55
C SER B 171 -8.49 9.01 -10.68
N THR B 172 -9.18 9.30 -9.58
CA THR B 172 -8.76 10.36 -8.67
C THR B 172 -7.80 9.89 -7.54
N TYR B 173 -7.21 10.87 -6.82
CA TYR B 173 -6.59 10.63 -5.55
C TYR B 173 -7.40 11.27 -4.43
N SER B 174 -7.17 10.80 -3.21
CA SER B 174 -7.68 11.45 -2.00
C SER B 174 -6.51 11.43 -0.99
N MET B 175 -6.52 12.34 -0.03
CA MET B 175 -5.50 12.28 1.02
C MET B 175 -6.11 12.78 2.32
N SER B 176 -5.46 12.41 3.42
CA SER B 176 -5.66 13.01 4.70
C SER B 176 -4.41 13.81 5.13
N SER B 177 -4.71 14.90 5.81
CA SER B 177 -3.74 15.66 6.51
C SER B 177 -4.18 15.79 7.96
N THR B 178 -3.26 15.47 8.86
CA THR B 178 -3.57 15.43 10.26
C THR B 178 -2.53 16.17 11.06
N LEU B 179 -2.98 17.22 11.77
CA LEU B 179 -2.15 18.01 12.67
C LEU B 179 -2.41 17.52 14.09
N THR B 180 -1.38 16.99 14.70
CA THR B 180 -1.54 16.37 15.98
C THR B 180 -0.73 17.23 16.97
N LEU B 181 -1.44 17.63 18.05
CA LEU B 181 -1.02 18.54 19.07
C LEU B 181 -1.33 17.84 20.39
N THR B 182 -0.73 18.30 21.48
CA THR B 182 -1.26 18.07 22.83
C THR B 182 -2.53 18.92 23.08
N LYS B 183 -3.30 18.46 24.05
CA LYS B 183 -4.48 19.16 24.49
C LYS B 183 -4.20 20.63 24.88
N ASP B 184 -3.18 20.79 25.72
CA ASP B 184 -2.76 22.08 26.22
C ASP B 184 -2.48 23.05 25.09
N GLU B 185 -1.59 22.59 24.21
CA GLU B 185 -1.21 23.26 22.97
C GLU B 185 -2.43 23.63 22.16
N TYR B 186 -3.33 22.68 21.92
CA TYR B 186 -4.61 22.96 21.18
C TYR B 186 -5.41 24.10 21.84
N GLU B 187 -5.46 24.10 23.16
CA GLU B 187 -6.36 25.04 23.86
C GLU B 187 -5.78 26.44 23.99
N ARG B 188 -4.59 26.66 23.50
CA ARG B 188 -3.98 27.97 23.67
C ARG B 188 -4.17 28.86 22.46
N HIS B 189 -4.95 28.40 21.47
CA HIS B 189 -5.20 29.12 20.24
C HIS B 189 -6.64 28.87 19.81
N ASN B 190 -7.16 29.60 18.85
CA ASN B 190 -8.61 29.55 18.52
C ASN B 190 -8.96 29.03 17.17
N SER B 191 -8.35 29.62 16.14
CA SER B 191 -8.72 29.24 14.77
C SER B 191 -7.75 28.22 14.22
N TYR B 192 -8.27 27.18 13.55
CA TYR B 192 -7.48 26.11 12.92
C TYR B 192 -7.93 26.03 11.51
N THR B 193 -6.98 26.16 10.58
CA THR B 193 -7.33 26.27 9.17
C THR B 193 -6.45 25.26 8.43
N CYS B 194 -7.02 24.44 7.54
CA CYS B 194 -6.23 23.73 6.53
C CYS B 194 -6.60 24.32 5.14
N GLU B 195 -5.55 24.64 4.39
CA GLU B 195 -5.64 25.32 3.10
C GLU B 195 -4.96 24.47 2.05
N ALA B 196 -5.70 24.14 1.00
CA ALA B 196 -5.24 23.25 -0.10
C ALA B 196 -5.03 24.06 -1.35
N THR B 197 -3.82 23.98 -1.88
CA THR B 197 -3.49 24.64 -3.12
C THR B 197 -3.20 23.53 -4.11
N HIS B 198 -3.97 23.56 -5.20
CA HIS B 198 -3.98 22.51 -6.20
C HIS B 198 -4.03 23.24 -7.58
N LYS B 199 -3.42 22.68 -8.61
CA LYS B 199 -3.31 23.38 -9.90
C LYS B 199 -4.65 23.76 -10.58
N THR B 200 -5.76 23.20 -10.10
CA THR B 200 -7.05 23.58 -10.65
C THR B 200 -7.47 25.04 -10.32
N SER B 201 -6.86 25.66 -9.32
CA SER B 201 -7.10 27.08 -9.03
C SER B 201 -5.91 27.74 -8.34
N THR B 202 -5.74 29.02 -8.63
CA THR B 202 -4.72 29.81 -7.99
C THR B 202 -5.16 30.19 -6.57
N SER B 203 -6.48 30.23 -6.34
CA SER B 203 -7.07 30.28 -4.98
C SER B 203 -7.08 28.97 -4.21
N PRO B 204 -6.42 28.93 -3.07
CA PRO B 204 -6.54 27.80 -2.15
C PRO B 204 -7.99 27.60 -1.68
N ILE B 205 -8.36 26.34 -1.45
CA ILE B 205 -9.60 25.99 -0.87
C ILE B 205 -9.31 26.02 0.61
N VAL B 206 -10.14 26.75 1.33
CA VAL B 206 -9.87 27.01 2.76
C VAL B 206 -10.96 26.44 3.67
N LYS B 207 -10.58 25.69 4.70
CA LYS B 207 -11.55 25.15 5.63
C LYS B 207 -11.01 25.45 7.02
N SER B 208 -11.87 25.95 7.88
CA SER B 208 -11.47 26.39 9.19
C SER B 208 -12.52 26.04 10.22
N PHE B 209 -12.12 26.17 11.46
CA PHE B 209 -13.11 26.31 12.52
C PHE B 209 -12.47 27.01 13.69
N ASN B 210 -13.33 27.61 14.51
CA ASN B 210 -12.97 28.24 15.79
C ASN B 210 -13.34 27.33 16.95
N ARG B 211 -12.35 27.10 17.79
CA ARG B 211 -12.51 26.33 18.99
C ARG B 211 -13.63 27.05 19.81
N ASN B 212 -13.62 28.39 19.78
CA ASN B 212 -14.58 29.15 20.57
C ASN B 212 -15.79 29.75 19.82
N GLU B 213 -16.08 29.23 18.63
CA GLU B 213 -17.41 29.36 18.04
C GLU B 213 -18.23 28.14 18.49
N CYS B 214 -17.56 27.08 18.95
CA CYS B 214 -18.22 26.07 19.79
C CYS B 214 -17.69 25.99 21.22
NA NA C . 15.89 -1.81 10.05
ZN ZN D . -3.05 32.19 19.04
N1 IMD E . -3.75 33.28 20.88
C2 IMD E . -4.43 33.48 22.02
N3 IMD E . -3.62 34.03 22.92
C4 IMD E . -2.40 34.21 22.37
C5 IMD E . -2.50 33.73 21.08
NA NA F . -2.00 25.85 0.30
#